data_1JIW
#
_entry.id   1JIW
#
_cell.length_a   75.627
_cell.length_b   118.432
_cell.length_c   91.995
_cell.angle_alpha   90.00
_cell.angle_beta   90.00
_cell.angle_gamma   90.00
#
_symmetry.space_group_name_H-M   'P 21 21 2'
#
loop_
_entity.id
_entity.type
_entity.pdbx_description
1 polymer 'ALKALINE METALLOPROTEINASE'
2 polymer 'PROTEINASE INHIBITOR'
3 non-polymer 'ZINC ION'
4 non-polymer 'CALCIUM ION'
5 water water
#
loop_
_entity_poly.entity_id
_entity_poly.type
_entity_poly.pdbx_seq_one_letter_code
_entity_poly.pdbx_strand_id
1 'polypeptide(L)'
;GRSDAYTQVDNFLHAYARGGDELVNGHPSYTVDQAAEQILREQASWQKAPGDSVLTLSYSFLTKPNDFFNTPWKYVSDIY
SLGKFSAFSAQQQAQAKLSLQSWSDVTNIHFVDAGQGDQGDLTFGNFSSSVGGAAFAFLPDVPDALKGQSWYLINSSYSA
NVNPANGNYGRQTLTHEIGHTLGLSHPGDYNAGEGDPTYADATYAEDTRAYSVMSYWEEQNTGQDFKGAYSSAPLLDDIA
AIQKLYGANLTTRTGDTVYGFNSNTERDFYSATSSSSKLVFSVWDAGGNDTLDFSGFSQNQKINLNEKALSDVGGLKGNV
SIAAGVTVENAIGGSGSDLLIGNDVANVLKGGAGNDILYGGLGADQLWGGAGADTFVYGDIAESSAAAPDTLRDFVSGQD
KIDLSGLDAFVNGGLVLQYVDAFAGKAGQAILSYDAASKAGSLAIDFSGDAHADFAINLIGQATQADIVV
;
P
2 'polypeptide(L)'
;SSLILLSASDLAGQWTLQQDEAPAICHLELRDSEVAEASGYDLGGDTACLTRWLPSEPRAWRPTPAGIALLERGGLTLML
LGRQGEGDYRVQKGDGGQLVLRRATP
;
I
#
loop_
_chem_comp.id
_chem_comp.type
_chem_comp.name
_chem_comp.formula
CA non-polymer 'CALCIUM ION' 'Ca 2'
ZN non-polymer 'ZINC ION' 'Zn 2'
#
# COMPACT_ATOMS: atom_id res chain seq x y z
N GLY A 1 -29.36 -14.81 10.34
CA GLY A 1 -28.62 -14.42 9.12
C GLY A 1 -27.29 -13.77 9.44
N ARG A 2 -26.44 -13.64 8.43
CA ARG A 2 -25.13 -13.02 8.61
C ARG A 2 -25.24 -11.63 9.23
N SER A 3 -24.47 -11.39 10.27
CA SER A 3 -24.47 -10.11 10.96
C SER A 3 -23.68 -9.08 10.16
N ASP A 4 -23.83 -7.81 10.51
CA ASP A 4 -23.08 -6.77 9.83
C ASP A 4 -21.59 -7.01 10.06
N ALA A 5 -21.25 -7.46 11.27
CA ALA A 5 -19.86 -7.73 11.62
C ALA A 5 -19.26 -8.80 10.71
N TYR A 6 -20.01 -9.87 10.47
CA TYR A 6 -19.53 -10.92 9.61
C TYR A 6 -19.33 -10.39 8.19
N THR A 7 -20.33 -9.64 7.71
CA THR A 7 -20.26 -9.08 6.37
C THR A 7 -19.05 -8.16 6.19
N GLN A 8 -18.71 -7.39 7.22
CA GLN A 8 -17.56 -6.51 7.11
C GLN A 8 -16.29 -7.32 6.91
N VAL A 9 -16.18 -8.41 7.67
CA VAL A 9 -15.02 -9.30 7.55
C VAL A 9 -14.95 -9.87 6.15
N ASP A 10 -16.03 -10.50 5.72
CA ASP A 10 -16.10 -11.09 4.40
C ASP A 10 -15.77 -10.07 3.31
N ASN A 11 -16.34 -8.87 3.42
CA ASN A 11 -16.08 -7.85 2.40
C ASN A 11 -14.63 -7.41 2.31
N PHE A 12 -13.97 -7.20 3.45
CA PHE A 12 -12.58 -6.76 3.38
C PHE A 12 -11.63 -7.87 2.95
N LEU A 13 -11.98 -9.12 3.27
CA LEU A 13 -11.15 -10.25 2.86
C LEU A 13 -11.11 -10.31 1.34
N HIS A 14 -12.15 -9.79 0.70
CA HIS A 14 -12.25 -9.79 -0.76
C HIS A 14 -11.95 -8.43 -1.37
N ALA A 15 -11.45 -7.49 -0.56
CA ALA A 15 -11.15 -6.16 -1.07
C ALA A 15 -9.89 -6.15 -1.93
N TYR A 16 -9.81 -5.18 -2.84
CA TYR A 16 -8.66 -5.02 -3.73
C TYR A 16 -8.32 -6.31 -4.46
N ALA A 17 -9.33 -6.98 -4.98
CA ALA A 17 -9.13 -8.23 -5.69
C ALA A 17 -8.34 -8.03 -6.98
N ARG A 18 -7.44 -8.95 -7.30
CA ARG A 18 -6.64 -8.87 -8.51
C ARG A 18 -6.36 -10.27 -9.05
N GLY A 19 -6.08 -10.35 -10.36
CA GLY A 19 -5.78 -11.64 -10.96
C GLY A 19 -6.95 -12.37 -11.60
N GLY A 20 -8.15 -11.81 -11.48
CA GLY A 20 -9.32 -12.47 -12.07
C GLY A 20 -9.23 -12.55 -13.59
N ASP A 21 -10.17 -13.24 -14.22
CA ASP A 21 -10.16 -13.37 -15.67
C ASP A 21 -10.83 -12.21 -16.38
N GLU A 22 -11.74 -11.52 -15.70
CA GLU A 22 -12.43 -10.39 -16.30
C GLU A 22 -11.57 -9.13 -16.28
N LEU A 23 -11.86 -8.21 -17.19
CA LEU A 23 -11.12 -6.96 -17.28
C LEU A 23 -11.39 -6.06 -16.08
N VAL A 24 -10.41 -5.24 -15.74
CA VAL A 24 -10.49 -4.29 -14.64
C VAL A 24 -9.99 -2.97 -15.20
N ASN A 25 -10.83 -1.94 -15.15
CA ASN A 25 -10.48 -0.62 -15.68
C ASN A 25 -10.06 -0.71 -17.13
N GLY A 26 -10.69 -1.62 -17.88
CA GLY A 26 -10.38 -1.79 -19.29
C GLY A 26 -9.06 -2.50 -19.54
N HIS A 27 -8.50 -3.10 -18.50
CA HIS A 27 -7.23 -3.80 -18.60
C HIS A 27 -7.33 -5.20 -18.02
N PRO A 28 -6.43 -6.10 -18.44
CA PRO A 28 -6.51 -7.44 -17.87
C PRO A 28 -6.00 -7.26 -16.44
N SER A 29 -6.44 -8.13 -15.53
CA SER A 29 -6.02 -8.06 -14.13
C SER A 29 -4.95 -9.12 -13.89
N TYR A 30 -3.81 -8.69 -13.36
CA TYR A 30 -2.67 -9.58 -13.11
C TYR A 30 -2.45 -9.97 -11.65
N THR A 31 -1.93 -11.18 -11.45
CA THR A 31 -1.59 -11.65 -10.12
C THR A 31 -0.24 -11.00 -9.84
N VAL A 32 0.23 -11.10 -8.60
CA VAL A 32 1.51 -10.54 -8.24
C VAL A 32 2.61 -11.13 -9.12
N ASP A 33 2.58 -12.45 -9.31
CA ASP A 33 3.59 -13.11 -10.12
C ASP A 33 3.56 -12.64 -11.58
N GLN A 34 2.36 -12.48 -12.15
CA GLN A 34 2.25 -12.04 -13.54
C GLN A 34 2.81 -10.63 -13.66
N ALA A 35 2.54 -9.79 -12.67
CA ALA A 35 3.04 -8.42 -12.68
C ALA A 35 4.55 -8.43 -12.62
N ALA A 36 5.11 -9.33 -11.80
CA ALA A 36 6.56 -9.43 -11.66
C ALA A 36 7.21 -9.83 -12.97
N GLU A 37 6.63 -10.81 -13.66
CA GLU A 37 7.17 -11.26 -14.94
C GLU A 37 7.13 -10.11 -15.94
N GLN A 38 6.03 -9.36 -15.94
CA GLN A 38 5.87 -8.23 -16.85
C GLN A 38 6.92 -7.15 -16.61
N ILE A 39 7.17 -6.83 -15.34
CA ILE A 39 8.17 -5.82 -14.98
C ILE A 39 9.59 -6.23 -15.40
N LEU A 40 9.81 -7.53 -15.54
CA LEU A 40 11.13 -8.05 -15.92
C LEU A 40 11.23 -8.44 -17.39
N ARG A 41 10.22 -8.08 -18.18
CA ARG A 41 10.16 -8.44 -19.60
C ARG A 41 11.39 -8.17 -20.46
N GLU A 42 12.18 -7.15 -20.13
CA GLU A 42 13.36 -6.85 -20.93
C GLU A 42 14.52 -7.81 -20.65
N GLN A 43 14.37 -8.61 -19.61
CA GLN A 43 15.37 -9.60 -19.23
C GLN A 43 16.76 -9.02 -18.97
N ALA A 44 16.81 -7.82 -18.41
CA ALA A 44 18.10 -7.19 -18.10
C ALA A 44 18.44 -7.51 -16.64
N SER A 45 19.73 -7.64 -16.34
CA SER A 45 20.15 -7.91 -14.98
C SER A 45 21.66 -7.86 -14.84
N TRP A 46 22.13 -7.80 -13.61
CA TRP A 46 23.56 -7.79 -13.33
C TRP A 46 23.97 -9.22 -13.08
N GLN A 47 25.21 -9.55 -13.44
CA GLN A 47 25.74 -10.89 -13.22
C GLN A 47 26.65 -10.82 -12.01
N LYS A 48 26.46 -11.75 -11.08
CA LYS A 48 27.27 -11.80 -9.87
C LYS A 48 28.71 -12.08 -10.26
N ALA A 49 29.65 -11.36 -9.64
CA ALA A 49 31.06 -11.54 -9.93
C ALA A 49 31.54 -12.93 -9.54
N PRO A 50 32.52 -13.47 -10.28
CA PRO A 50 33.06 -14.79 -9.98
C PRO A 50 33.72 -14.82 -8.60
N GLY A 51 33.22 -15.67 -7.72
CA GLY A 51 33.79 -15.76 -6.38
C GLY A 51 32.86 -15.16 -5.34
N ASP A 52 31.82 -14.48 -5.82
CA ASP A 52 30.85 -13.85 -4.93
C ASP A 52 29.62 -14.73 -4.78
N SER A 53 29.17 -14.91 -3.54
CA SER A 53 27.99 -15.72 -3.27
C SER A 53 26.74 -14.84 -3.41
N VAL A 54 26.96 -13.54 -3.35
CA VAL A 54 25.87 -12.57 -3.47
C VAL A 54 26.29 -11.39 -4.34
N LEU A 55 25.39 -10.92 -5.19
CA LEU A 55 25.67 -9.79 -6.07
C LEU A 55 26.14 -8.59 -5.25
N THR A 56 27.32 -8.09 -5.58
CA THR A 56 27.88 -6.95 -4.87
C THR A 56 28.04 -5.78 -5.84
N LEU A 57 27.40 -4.66 -5.50
CA LEU A 57 27.46 -3.47 -6.34
C LEU A 57 27.89 -2.24 -5.55
N SER A 58 28.86 -1.50 -6.08
CA SER A 58 29.33 -0.30 -5.42
C SER A 58 28.56 0.89 -5.98
N TYR A 59 28.51 1.97 -5.22
CA TYR A 59 27.81 3.18 -5.67
C TYR A 59 28.65 4.40 -5.31
N SER A 60 28.55 5.44 -6.13
CA SER A 60 29.29 6.66 -5.86
C SER A 60 28.49 7.85 -6.36
N PHE A 61 28.83 9.03 -5.85
CA PHE A 61 28.14 10.26 -6.23
C PHE A 61 29.10 11.11 -7.03
N LEU A 62 28.80 11.26 -8.32
CA LEU A 62 29.63 12.04 -9.22
C LEU A 62 30.00 13.39 -8.64
N THR A 63 31.23 13.82 -8.90
CA THR A 63 31.72 15.11 -8.43
C THR A 63 31.76 16.08 -9.61
N LYS A 64 31.72 15.52 -10.81
CA LYS A 64 31.75 16.31 -12.04
C LYS A 64 31.15 15.47 -13.16
N PRO A 65 30.88 16.11 -14.31
CA PRO A 65 30.29 15.37 -15.45
C PRO A 65 31.16 14.19 -15.86
N ASN A 66 30.51 13.11 -16.27
CA ASN A 66 31.24 11.94 -16.74
C ASN A 66 31.17 12.00 -18.26
N ASP A 67 31.69 10.98 -18.95
CA ASP A 67 31.68 10.98 -20.40
C ASP A 67 30.29 11.17 -20.99
N PHE A 68 29.31 10.46 -20.44
CA PHE A 68 27.94 10.57 -20.90
C PHE A 68 27.40 12.00 -20.83
N PHE A 69 27.56 12.64 -19.67
CA PHE A 69 27.08 14.00 -19.49
C PHE A 69 27.74 14.98 -20.45
N ASN A 70 29.05 14.83 -20.66
CA ASN A 70 29.78 15.72 -21.55
C ASN A 70 29.34 15.63 -23.00
N THR A 71 29.12 14.41 -23.48
CA THR A 71 28.69 14.19 -24.86
C THR A 71 27.58 13.13 -24.92
N PRO A 72 26.38 13.48 -24.46
CA PRO A 72 25.23 12.58 -24.44
C PRO A 72 24.89 11.98 -25.81
N TRP A 73 24.94 12.83 -26.84
CA TRP A 73 24.62 12.42 -28.20
C TRP A 73 25.42 11.22 -28.71
N LYS A 74 26.55 10.94 -28.09
CA LYS A 74 27.38 9.81 -28.50
C LYS A 74 26.89 8.49 -27.92
N TYR A 75 25.99 8.56 -26.95
CA TYR A 75 25.45 7.37 -26.31
C TYR A 75 23.93 7.27 -26.44
N VAL A 76 23.27 8.42 -26.49
CA VAL A 76 21.82 8.48 -26.64
C VAL A 76 21.50 9.49 -27.73
N SER A 77 21.00 9.00 -28.87
CA SER A 77 20.67 9.83 -30.02
C SER A 77 19.87 11.11 -29.74
N ASP A 78 18.78 10.97 -29.01
CA ASP A 78 17.90 12.10 -28.71
C ASP A 78 18.52 13.27 -27.95
N ILE A 79 19.40 12.97 -26.99
CA ILE A 79 20.01 13.99 -26.14
C ILE A 79 21.27 14.66 -26.66
N TYR A 80 21.27 16.00 -26.65
CA TYR A 80 22.42 16.78 -27.09
C TYR A 80 23.07 17.50 -25.91
N SER A 81 22.26 17.88 -24.94
CA SER A 81 22.75 18.58 -23.76
C SER A 81 21.89 18.33 -22.54
N LEU A 82 22.53 18.14 -21.39
CA LEU A 82 21.81 17.91 -20.14
C LEU A 82 21.89 19.16 -19.28
N GLY A 83 22.45 20.22 -19.84
CA GLY A 83 22.56 21.48 -19.11
C GLY A 83 23.68 21.54 -18.10
N LYS A 84 23.39 22.12 -16.94
CA LYS A 84 24.37 22.26 -15.87
C LYS A 84 24.39 21.05 -14.95
N PHE A 85 25.59 20.54 -14.69
CA PHE A 85 25.76 19.41 -13.79
C PHE A 85 25.94 19.90 -12.37
N SER A 86 25.45 19.11 -11.41
CA SER A 86 25.63 19.43 -10.01
C SER A 86 25.67 18.11 -9.26
N ALA A 87 26.51 18.04 -8.23
CA ALA A 87 26.63 16.83 -7.44
C ALA A 87 25.50 16.71 -6.44
N PHE A 88 25.22 15.47 -6.03
CA PHE A 88 24.18 15.20 -5.06
C PHE A 88 24.53 15.92 -3.76
N SER A 89 23.55 16.60 -3.16
CA SER A 89 23.77 17.31 -1.91
C SER A 89 23.89 16.28 -0.80
N ALA A 90 24.21 16.73 0.40
CA ALA A 90 24.33 15.82 1.54
C ALA A 90 22.99 15.11 1.77
N GLN A 91 21.91 15.86 1.67
CA GLN A 91 20.57 15.31 1.87
C GLN A 91 20.25 14.28 0.79
N GLN A 92 20.58 14.59 -0.46
CA GLN A 92 20.32 13.67 -1.55
C GLN A 92 21.07 12.36 -1.36
N GLN A 93 22.34 12.48 -0.95
CA GLN A 93 23.17 11.30 -0.73
C GLN A 93 22.63 10.43 0.40
N ALA A 94 22.21 11.06 1.49
CA ALA A 94 21.69 10.32 2.63
C ALA A 94 20.41 9.57 2.24
N GLN A 95 19.55 10.23 1.47
CA GLN A 95 18.29 9.62 1.04
C GLN A 95 18.53 8.52 0.01
N ALA A 96 19.52 8.72 -0.87
CA ALA A 96 19.83 7.72 -1.88
C ALA A 96 20.24 6.44 -1.18
N LYS A 97 21.03 6.59 -0.11
CA LYS A 97 21.47 5.44 0.65
C LYS A 97 20.29 4.69 1.26
N LEU A 98 19.28 5.42 1.74
CA LEU A 98 18.11 4.77 2.31
C LEU A 98 17.34 4.01 1.23
N SER A 99 17.26 4.57 0.03
CA SER A 99 16.57 3.91 -1.07
C SER A 99 17.35 2.66 -1.48
N LEU A 100 18.67 2.79 -1.58
CA LEU A 100 19.50 1.64 -1.95
C LEU A 100 19.24 0.55 -0.92
N GLN A 101 19.31 0.91 0.36
CA GLN A 101 19.08 -0.04 1.44
C GLN A 101 17.72 -0.72 1.36
N SER A 102 16.68 0.01 0.96
CA SER A 102 15.35 -0.59 0.88
C SER A 102 15.31 -1.68 -0.18
N TRP A 103 16.17 -1.60 -1.19
CA TRP A 103 16.23 -2.63 -2.22
C TRP A 103 17.03 -3.82 -1.70
N SER A 104 18.19 -3.57 -1.11
CA SER A 104 19.02 -4.67 -0.61
C SER A 104 18.36 -5.39 0.57
N ASP A 105 17.38 -4.76 1.22
CA ASP A 105 16.66 -5.39 2.33
C ASP A 105 15.79 -6.55 1.85
N VAL A 106 15.26 -6.41 0.63
CA VAL A 106 14.35 -7.43 0.11
C VAL A 106 14.94 -8.49 -0.81
N THR A 107 16.13 -8.23 -1.36
CA THR A 107 16.76 -9.19 -2.26
C THR A 107 18.24 -9.34 -1.91
N ASN A 108 18.90 -10.31 -2.53
CA ASN A 108 20.31 -10.56 -2.25
C ASN A 108 21.30 -9.71 -3.03
N ILE A 109 21.54 -8.50 -2.51
CA ILE A 109 22.48 -7.56 -3.09
C ILE A 109 23.23 -6.88 -1.94
N HIS A 110 24.54 -6.73 -2.09
CA HIS A 110 25.34 -6.03 -1.09
C HIS A 110 25.87 -4.76 -1.73
N PHE A 111 25.36 -3.62 -1.27
CA PHE A 111 25.80 -2.35 -1.81
C PHE A 111 27.04 -1.88 -1.05
N VAL A 112 28.03 -1.40 -1.80
CA VAL A 112 29.28 -0.94 -1.21
C VAL A 112 29.53 0.53 -1.51
N ASP A 113 29.78 1.32 -0.48
CA ASP A 113 30.03 2.74 -0.63
C ASP A 113 31.38 2.98 -1.31
N ALA A 114 31.34 3.59 -2.50
CA ALA A 114 32.56 3.88 -3.25
C ALA A 114 32.91 5.37 -3.19
N GLY A 115 32.24 6.09 -2.28
CA GLY A 115 32.51 7.51 -2.09
C GLY A 115 32.05 8.52 -3.11
N GLN A 116 32.88 9.56 -3.28
CA GLN A 116 32.60 10.65 -4.20
C GLN A 116 33.46 10.49 -5.45
N GLY A 117 32.80 10.46 -6.61
CA GLY A 117 33.53 10.29 -7.85
C GLY A 117 32.77 9.37 -8.79
N ASP A 118 33.49 8.80 -9.75
CA ASP A 118 32.89 7.91 -10.74
C ASP A 118 33.41 6.47 -10.70
N GLN A 119 33.65 5.95 -9.50
CA GLN A 119 34.15 4.59 -9.38
C GLN A 119 33.06 3.55 -9.15
N GLY A 120 31.88 4.00 -8.75
CA GLY A 120 30.79 3.06 -8.47
C GLY A 120 30.12 2.38 -9.64
N ASP A 121 29.65 1.15 -9.42
CA ASP A 121 28.94 0.40 -10.45
C ASP A 121 27.67 1.20 -10.76
N LEU A 122 27.15 1.86 -9.71
CA LEU A 122 25.97 2.70 -9.83
C LEU A 122 26.44 4.11 -9.49
N THR A 123 26.02 5.10 -10.28
CA THR A 123 26.41 6.49 -9.99
C THR A 123 25.19 7.39 -10.01
N PHE A 124 25.28 8.50 -9.28
CA PHE A 124 24.20 9.47 -9.18
C PHE A 124 24.68 10.88 -9.52
N GLY A 125 23.82 11.66 -10.17
CA GLY A 125 24.17 13.03 -10.53
C GLY A 125 22.93 13.84 -10.86
N ASN A 126 23.05 15.16 -10.83
CA ASN A 126 21.93 16.04 -11.16
C ASN A 126 22.20 16.77 -12.48
N PHE A 127 21.14 17.13 -13.18
CA PHE A 127 21.24 17.86 -14.44
C PHE A 127 20.12 18.92 -14.46
N SER A 128 20.28 19.96 -15.27
CA SER A 128 19.29 21.03 -15.29
C SER A 128 18.40 21.16 -16.53
N SER A 129 18.79 20.51 -17.63
CA SER A 129 18.02 20.56 -18.86
C SER A 129 17.17 19.31 -19.05
N SER A 130 15.89 19.43 -18.74
CA SER A 130 14.97 18.32 -18.86
C SER A 130 14.98 17.65 -20.22
N VAL A 131 14.78 16.34 -20.21
CA VAL A 131 14.69 15.57 -21.44
C VAL A 131 13.30 14.97 -21.51
N GLY A 132 12.37 15.56 -20.77
CA GLY A 132 11.00 15.08 -20.77
C GLY A 132 10.42 14.74 -19.41
N GLY A 133 11.28 14.39 -18.46
CA GLY A 133 10.81 14.03 -17.14
C GLY A 133 11.61 14.58 -15.97
N ALA A 134 11.33 14.06 -14.77
CA ALA A 134 12.00 14.48 -13.54
C ALA A 134 13.33 13.79 -13.30
N ALA A 135 13.57 12.69 -14.00
CA ALA A 135 14.81 11.93 -13.85
C ALA A 135 14.81 10.78 -14.85
N PHE A 136 15.93 10.07 -14.91
CA PHE A 136 16.03 8.93 -15.80
C PHE A 136 17.18 8.03 -15.36
N ALA A 137 17.18 6.80 -15.87
CA ALA A 137 18.21 5.84 -15.51
C ALA A 137 18.31 4.77 -16.60
N PHE A 138 19.37 3.98 -16.55
CA PHE A 138 19.56 2.94 -17.56
C PHE A 138 19.52 1.54 -16.98
N LEU A 139 18.85 0.62 -17.70
CA LEU A 139 18.77 -0.78 -17.29
C LEU A 139 20.19 -1.34 -17.44
N PRO A 140 20.52 -2.42 -16.73
CA PRO A 140 21.86 -3.02 -16.82
C PRO A 140 22.22 -3.75 -18.11
N ASP A 141 21.43 -3.57 -19.17
CA ASP A 141 21.74 -4.24 -20.43
C ASP A 141 22.36 -3.26 -21.43
N VAL A 142 22.68 -2.06 -20.96
CA VAL A 142 23.29 -1.03 -21.80
C VAL A 142 24.82 -1.10 -21.72
N PRO A 143 25.52 -0.39 -22.62
CA PRO A 143 26.98 -0.42 -22.61
C PRO A 143 27.56 0.19 -21.32
N ASP A 144 28.78 -0.21 -20.97
CA ASP A 144 29.44 0.27 -19.76
C ASP A 144 29.48 1.78 -19.59
N ALA A 145 29.41 2.51 -20.69
CA ALA A 145 29.44 3.96 -20.64
C ALA A 145 28.17 4.56 -20.03
N LEU A 146 27.13 3.73 -19.90
CA LEU A 146 25.86 4.20 -19.35
C LEU A 146 25.37 3.37 -18.17
N LYS A 147 25.85 2.14 -18.07
CA LYS A 147 25.44 1.22 -17.02
C LYS A 147 25.49 1.75 -15.59
N GLY A 148 24.43 1.48 -14.84
CA GLY A 148 24.34 1.90 -13.45
C GLY A 148 24.07 3.36 -13.16
N GLN A 149 23.91 4.15 -14.20
CA GLN A 149 23.69 5.58 -14.01
C GLN A 149 22.24 6.00 -13.84
N SER A 150 22.01 6.93 -12.92
CA SER A 150 20.68 7.50 -12.70
C SER A 150 20.92 9.01 -12.61
N TRP A 151 20.06 9.79 -13.26
CA TRP A 151 20.20 11.24 -13.30
C TRP A 151 18.93 11.93 -12.83
N TYR A 152 19.10 13.02 -12.09
CA TYR A 152 17.96 13.73 -11.52
C TYR A 152 17.89 15.22 -11.88
N LEU A 153 16.72 15.63 -12.35
CA LEU A 153 16.49 17.01 -12.77
C LEU A 153 16.36 18.01 -11.62
N ILE A 154 17.12 19.09 -11.73
CA ILE A 154 17.08 20.16 -10.75
C ILE A 154 17.30 21.49 -11.47
N ASN A 155 16.31 22.38 -11.37
CA ASN A 155 16.41 23.71 -11.96
C ASN A 155 15.39 24.63 -11.31
N SER A 156 15.40 25.91 -11.69
CA SER A 156 14.48 26.87 -11.09
C SER A 156 12.99 26.52 -11.25
N SER A 157 12.66 25.66 -12.20
CA SER A 157 11.26 25.30 -12.42
C SER A 157 10.81 23.98 -11.79
N TYR A 158 11.76 23.19 -11.31
CA TYR A 158 11.43 21.90 -10.69
C TYR A 158 12.35 21.63 -9.51
N SER A 159 11.79 21.56 -8.31
CA SER A 159 12.61 21.34 -7.12
C SER A 159 12.32 20.06 -6.33
N ALA A 160 11.48 19.19 -6.88
CA ALA A 160 11.14 17.94 -6.17
C ALA A 160 12.32 17.05 -5.80
N ASN A 161 13.41 17.13 -6.55
CA ASN A 161 14.58 16.30 -6.26
C ASN A 161 15.59 16.94 -5.33
N VAL A 162 15.36 18.21 -4.98
CA VAL A 162 16.25 18.93 -4.10
C VAL A 162 16.23 18.39 -2.68
N ASN A 163 15.04 18.15 -2.15
CA ASN A 163 14.92 17.65 -0.79
C ASN A 163 14.15 16.35 -0.65
N PRO A 164 14.75 15.22 -1.07
CA PRO A 164 14.04 13.95 -0.94
C PRO A 164 13.84 13.71 0.56
N ALA A 165 12.71 13.12 0.93
CA ALA A 165 12.44 12.84 2.33
C ALA A 165 11.40 11.73 2.41
N ASN A 166 11.35 11.07 3.55
CA ASN A 166 10.40 9.99 3.77
C ASN A 166 9.01 10.37 3.29
N GLY A 167 8.45 9.54 2.41
CA GLY A 167 7.11 9.79 1.90
C GLY A 167 6.92 10.78 0.77
N ASN A 168 7.93 11.55 0.37
CA ASN A 168 7.69 12.49 -0.74
C ASN A 168 8.13 11.97 -2.10
N TYR A 169 7.77 12.73 -3.14
CA TYR A 169 8.08 12.33 -4.51
C TYR A 169 9.56 12.21 -4.82
N GLY A 170 10.36 13.10 -4.24
CA GLY A 170 11.79 13.05 -4.47
C GLY A 170 12.39 11.73 -4.01
N ARG A 171 11.94 11.25 -2.86
CA ARG A 171 12.44 9.98 -2.33
C ARG A 171 11.98 8.82 -3.21
N GLN A 172 10.73 8.81 -3.64
CA GLN A 172 10.27 7.71 -4.48
C GLN A 172 11.02 7.71 -5.81
N THR A 173 11.32 8.90 -6.33
CA THR A 173 12.05 9.00 -7.58
C THR A 173 13.40 8.29 -7.47
N LEU A 174 14.09 8.44 -6.34
CA LEU A 174 15.37 7.77 -6.13
C LEU A 174 15.16 6.25 -6.17
N THR A 175 14.18 5.78 -5.43
CA THR A 175 13.89 4.35 -5.38
C THR A 175 13.53 3.82 -6.75
N HIS A 176 12.74 4.58 -7.49
CA HIS A 176 12.30 4.22 -8.83
C HIS A 176 13.47 4.10 -9.80
N GLU A 177 14.24 5.18 -9.94
CA GLU A 177 15.37 5.17 -10.86
C GLU A 177 16.40 4.11 -10.48
N ILE A 178 16.62 3.90 -9.19
CA ILE A 178 17.56 2.87 -8.75
C ILE A 178 17.01 1.53 -9.22
N GLY A 179 15.68 1.37 -9.15
CA GLY A 179 15.06 0.15 -9.61
C GLY A 179 15.45 -0.17 -11.04
N HIS A 180 15.49 0.85 -11.90
CA HIS A 180 15.88 0.66 -13.29
C HIS A 180 17.31 0.13 -13.37
N THR A 181 18.23 0.79 -12.66
CA THR A 181 19.63 0.38 -12.69
C THR A 181 19.84 -1.07 -12.28
N LEU A 182 18.92 -1.61 -11.51
CA LEU A 182 19.02 -3.00 -11.05
C LEU A 182 18.38 -3.99 -12.02
N GLY A 183 17.59 -3.50 -12.96
CA GLY A 183 16.96 -4.37 -13.94
C GLY A 183 15.45 -4.29 -14.11
N LEU A 184 14.79 -3.42 -13.36
CA LEU A 184 13.33 -3.31 -13.47
C LEU A 184 12.89 -2.25 -14.50
N SER A 185 11.83 -2.58 -15.25
CA SER A 185 11.27 -1.65 -16.24
C SER A 185 9.97 -1.10 -15.67
N HIS A 186 9.39 -0.11 -16.34
CA HIS A 186 8.10 0.41 -15.92
C HIS A 186 7.21 -0.80 -16.17
N PRO A 187 6.09 -0.92 -15.44
CA PRO A 187 5.20 -2.06 -15.64
C PRO A 187 4.56 -2.08 -17.04
N GLY A 188 4.63 -0.93 -17.72
CA GLY A 188 4.06 -0.82 -19.05
C GLY A 188 5.01 -0.07 -19.97
N ASP A 189 4.66 0.06 -21.24
CA ASP A 189 5.52 0.75 -22.18
C ASP A 189 5.14 2.22 -22.32
N TYR A 190 5.91 3.06 -21.65
CA TYR A 190 5.71 4.51 -21.68
C TYR A 190 6.95 5.18 -21.11
N ASN A 191 7.13 6.46 -21.45
CA ASN A 191 8.28 7.23 -21.02
C ASN A 191 7.84 8.68 -20.85
N ALA A 192 8.26 9.30 -19.74
CA ALA A 192 7.89 10.69 -19.45
C ALA A 192 8.27 11.66 -20.57
N GLY A 193 7.33 12.49 -20.97
CA GLY A 193 7.58 13.48 -22.00
C GLY A 193 7.52 12.95 -23.41
N GLU A 194 7.49 11.62 -23.56
CA GLU A 194 7.43 11.01 -24.88
C GLU A 194 5.98 10.72 -25.22
N GLY A 195 5.38 11.61 -26.00
CA GLY A 195 3.99 11.45 -26.35
C GLY A 195 3.25 11.92 -25.12
N ASP A 196 2.05 11.38 -24.91
CA ASP A 196 1.26 11.77 -23.75
C ASP A 196 0.65 10.51 -23.15
N PRO A 197 1.50 9.62 -22.59
CA PRO A 197 1.03 8.37 -21.99
C PRO A 197 0.05 8.58 -20.84
N THR A 198 -0.89 7.65 -20.72
CA THR A 198 -1.88 7.70 -19.66
C THR A 198 -2.07 6.30 -19.11
N TYR A 199 -2.84 6.20 -18.02
CA TYR A 199 -3.11 4.90 -17.41
C TYR A 199 -3.75 3.96 -18.42
N ALA A 200 -4.45 4.51 -19.41
CA ALA A 200 -5.10 3.68 -20.42
C ALA A 200 -4.06 2.91 -21.24
N ASP A 201 -2.82 3.39 -21.23
CA ASP A 201 -1.74 2.76 -21.97
C ASP A 201 -1.09 1.62 -21.18
N ALA A 202 -1.54 1.40 -19.96
CA ALA A 202 -0.99 0.35 -19.11
C ALA A 202 -1.29 -1.03 -19.70
N THR A 203 -0.41 -1.99 -19.39
CA THR A 203 -0.57 -3.36 -19.87
C THR A 203 -1.54 -4.11 -18.97
N TYR A 204 -1.52 -3.82 -17.67
CA TYR A 204 -2.43 -4.48 -16.74
C TYR A 204 -2.99 -3.47 -15.73
N ALA A 205 -4.13 -3.79 -15.15
CA ALA A 205 -4.81 -2.90 -14.21
C ALA A 205 -4.02 -2.49 -12.98
N GLU A 206 -3.26 -3.43 -12.43
CA GLU A 206 -2.48 -3.16 -11.23
C GLU A 206 -1.20 -2.36 -11.43
N ASP A 207 -1.07 -1.73 -12.59
CA ASP A 207 0.09 -0.90 -12.87
C ASP A 207 -0.22 0.48 -12.27
N THR A 208 -0.10 0.59 -10.96
CA THR A 208 -0.31 1.85 -10.25
C THR A 208 0.70 1.86 -9.12
N ARG A 209 0.96 3.04 -8.54
CA ARG A 209 1.93 3.08 -7.45
C ARG A 209 1.39 2.60 -6.10
N ALA A 210 0.34 1.80 -6.15
CA ALA A 210 -0.20 1.19 -4.94
C ALA A 210 0.50 -0.17 -4.92
N TYR A 211 0.99 -0.59 -6.09
CA TYR A 211 1.63 -1.88 -6.25
C TYR A 211 3.09 -1.87 -6.71
N SER A 212 3.49 -0.79 -7.39
CA SER A 212 4.87 -0.70 -7.89
C SER A 212 5.35 0.74 -7.98
N VAL A 213 6.51 1.02 -7.41
CA VAL A 213 7.07 2.36 -7.47
C VAL A 213 7.56 2.65 -8.88
N MET A 214 7.59 1.60 -9.71
CA MET A 214 8.03 1.73 -11.10
C MET A 214 6.89 2.25 -11.97
N SER A 215 5.67 2.21 -11.43
CA SER A 215 4.49 2.65 -12.14
C SER A 215 4.40 4.17 -12.23
N TYR A 216 3.80 4.65 -13.32
CA TYR A 216 3.61 6.08 -13.54
C TYR A 216 2.25 6.53 -13.03
N TRP A 217 1.36 5.58 -12.78
CA TRP A 217 -0.02 5.91 -12.40
C TRP A 217 -0.43 5.95 -10.93
N GLU A 218 -1.31 6.90 -10.63
CA GLU A 218 -1.81 7.12 -9.26
C GLU A 218 -2.47 5.89 -8.65
N GLU A 219 -2.32 5.74 -7.34
CA GLU A 219 -2.92 4.63 -6.63
C GLU A 219 -4.44 4.71 -6.72
N GLN A 220 -4.99 5.91 -6.88
CA GLN A 220 -6.45 6.05 -6.96
C GLN A 220 -7.05 5.31 -8.16
N ASN A 221 -6.23 5.03 -9.18
CA ASN A 221 -6.73 4.33 -10.35
C ASN A 221 -7.18 2.91 -9.99
N THR A 222 -6.64 2.37 -8.90
CA THR A 222 -7.02 1.04 -8.45
C THR A 222 -7.72 1.04 -7.09
N GLY A 223 -8.25 2.19 -6.69
CA GLY A 223 -8.99 2.28 -5.44
C GLY A 223 -8.27 2.61 -4.15
N GLN A 224 -6.94 2.73 -4.20
CA GLN A 224 -6.18 3.08 -3.00
C GLN A 224 -6.03 4.59 -2.93
N ASP A 225 -5.60 5.09 -1.78
CA ASP A 225 -5.45 6.54 -1.60
C ASP A 225 -4.48 6.84 -0.47
N PHE A 226 -3.33 7.41 -0.80
CA PHE A 226 -2.33 7.72 0.22
C PHE A 226 -2.28 9.20 0.57
N LYS A 227 -3.35 9.91 0.25
CA LYS A 227 -3.45 11.35 0.53
C LYS A 227 -2.22 12.17 0.14
N GLY A 228 -1.73 11.96 -1.07
CA GLY A 228 -0.58 12.72 -1.54
C GLY A 228 0.81 12.20 -1.20
N ALA A 229 0.88 11.14 -0.40
CA ALA A 229 2.17 10.57 -0.03
C ALA A 229 2.60 9.59 -1.11
N TYR A 230 3.90 9.25 -1.12
CA TYR A 230 4.44 8.32 -2.10
C TYR A 230 5.28 7.27 -1.38
N SER A 231 5.13 6.01 -1.79
CA SER A 231 5.89 4.93 -1.19
C SER A 231 7.39 5.19 -1.38
N SER A 232 8.14 5.22 -0.28
CA SER A 232 9.58 5.47 -0.34
C SER A 232 10.36 4.19 -0.65
N ALA A 233 9.74 3.04 -0.38
CA ALA A 233 10.38 1.75 -0.59
C ALA A 233 9.62 0.85 -1.57
N PRO A 234 10.27 -0.24 -2.03
CA PRO A 234 9.64 -1.17 -2.97
C PRO A 234 8.26 -1.65 -2.48
N LEU A 235 7.32 -1.73 -3.40
CA LEU A 235 5.98 -2.18 -3.07
C LEU A 235 5.80 -3.67 -3.39
N LEU A 236 4.58 -4.17 -3.18
CA LEU A 236 4.27 -5.58 -3.38
C LEU A 236 4.84 -6.22 -4.64
N ASP A 237 4.53 -5.63 -5.80
CA ASP A 237 4.99 -6.16 -7.06
C ASP A 237 6.48 -5.93 -7.31
N ASP A 238 7.03 -4.85 -6.75
CA ASP A 238 8.46 -4.56 -6.90
C ASP A 238 9.27 -5.65 -6.21
N ILE A 239 8.83 -6.00 -5.00
CA ILE A 239 9.49 -7.02 -4.21
C ILE A 239 9.48 -8.34 -4.98
N ALA A 240 8.31 -8.73 -5.49
CA ALA A 240 8.21 -9.97 -6.24
C ALA A 240 9.10 -9.95 -7.48
N ALA A 241 9.15 -8.80 -8.16
CA ALA A 241 9.96 -8.69 -9.36
C ALA A 241 11.46 -8.80 -9.09
N ILE A 242 11.95 -7.97 -8.18
CA ILE A 242 13.38 -7.98 -7.88
C ILE A 242 13.85 -9.32 -7.29
N GLN A 243 12.99 -9.99 -6.54
CA GLN A 243 13.36 -11.28 -5.95
C GLN A 243 13.47 -12.37 -7.02
N LYS A 244 12.82 -12.16 -8.16
CA LYS A 244 12.92 -13.13 -9.25
C LYS A 244 14.31 -13.04 -9.87
N LEU A 245 14.93 -11.87 -9.74
CA LEU A 245 16.26 -11.65 -10.30
C LEU A 245 17.40 -12.05 -9.37
N TYR A 246 17.36 -11.54 -8.14
CA TYR A 246 18.43 -11.83 -7.20
C TYR A 246 18.01 -12.58 -5.95
N GLY A 247 16.81 -13.16 -5.99
CA GLY A 247 16.31 -13.95 -4.87
C GLY A 247 15.74 -13.21 -3.68
N ALA A 248 15.10 -13.96 -2.79
CA ALA A 248 14.50 -13.39 -1.59
C ALA A 248 15.60 -13.30 -0.53
N ASN A 249 15.66 -12.16 0.16
CA ASN A 249 16.67 -12.00 1.20
C ASN A 249 16.15 -12.63 2.49
N LEU A 250 16.59 -13.84 2.77
CA LEU A 250 16.16 -14.58 3.95
C LEU A 250 16.88 -14.18 5.24
N THR A 251 17.74 -13.16 5.18
CA THR A 251 18.46 -12.72 6.36
C THR A 251 17.82 -11.47 6.98
N THR A 252 16.85 -10.89 6.28
CA THR A 252 16.22 -9.66 6.74
C THR A 252 15.13 -9.71 7.80
N ARG A 253 15.37 -8.96 8.88
CA ARG A 253 14.42 -8.84 9.98
C ARG A 253 13.87 -10.17 10.50
N THR A 254 14.77 -11.09 10.83
CA THR A 254 14.36 -12.40 11.33
C THR A 254 14.00 -12.35 12.81
N GLY A 255 14.15 -11.18 13.42
CA GLY A 255 13.79 -11.04 14.83
C GLY A 255 12.30 -10.77 14.95
N ASP A 256 11.84 -10.52 16.18
CA ASP A 256 10.44 -10.22 16.41
C ASP A 256 10.30 -8.74 16.09
N THR A 257 9.83 -8.48 14.87
CA THR A 257 9.72 -7.13 14.33
C THR A 257 8.38 -6.42 14.48
N VAL A 258 8.45 -5.13 14.81
CA VAL A 258 7.25 -4.31 14.97
C VAL A 258 7.25 -3.24 13.88
N TYR A 259 6.12 -3.15 13.17
CA TYR A 259 5.95 -2.18 12.09
C TYR A 259 4.88 -1.18 12.50
N GLY A 260 5.09 0.10 12.13
CA GLY A 260 4.11 1.12 12.49
C GLY A 260 4.61 1.89 13.70
N PHE A 261 3.78 2.02 14.72
CA PHE A 261 4.19 2.72 15.93
C PHE A 261 5.11 1.82 16.74
N ASN A 262 6.03 2.43 17.50
CA ASN A 262 6.98 1.67 18.32
C ASN A 262 7.78 0.69 17.47
N SER A 263 8.07 1.08 16.24
CA SER A 263 8.82 0.21 15.34
C SER A 263 10.28 0.01 15.72
N ASN A 264 10.79 -1.19 15.47
CA ASN A 264 12.18 -1.49 15.75
C ASN A 264 12.89 -1.85 14.44
N THR A 265 12.31 -1.43 13.32
CA THR A 265 12.87 -1.70 12.01
C THR A 265 14.03 -0.79 11.64
N GLU A 266 14.09 0.38 12.27
CA GLU A 266 15.12 1.36 11.96
C GLU A 266 15.03 1.76 10.48
N ARG A 267 13.80 1.83 9.99
CA ARG A 267 13.52 2.23 8.61
C ARG A 267 12.43 3.29 8.69
N ASP A 268 12.72 4.49 8.21
CA ASP A 268 11.73 5.55 8.27
C ASP A 268 10.37 5.20 7.67
N PHE A 269 10.36 4.55 6.52
CA PHE A 269 9.11 4.20 5.86
C PHE A 269 8.26 3.11 6.54
N TYR A 270 8.84 2.37 7.49
CA TYR A 270 8.07 1.35 8.21
C TYR A 270 7.65 1.90 9.57
N SER A 271 8.06 3.13 9.87
CA SER A 271 7.79 3.72 11.17
C SER A 271 6.79 4.88 11.25
N ALA A 272 5.93 4.84 12.26
CA ALA A 272 4.94 5.89 12.50
C ALA A 272 5.42 6.64 13.74
N THR A 273 5.37 7.97 13.70
CA THR A 273 5.84 8.78 14.83
C THR A 273 4.80 9.67 15.49
N SER A 274 3.62 9.79 14.89
CA SER A 274 2.55 10.59 15.46
C SER A 274 1.22 10.15 14.89
N SER A 275 0.12 10.69 15.43
CA SER A 275 -1.21 10.34 14.98
C SER A 275 -1.48 10.83 13.55
N SER A 276 -0.58 11.65 13.00
CA SER A 276 -0.77 12.16 11.65
C SER A 276 0.13 11.48 10.61
N SER A 277 0.91 10.51 11.05
CA SER A 277 1.82 9.81 10.14
C SER A 277 1.09 9.12 8.99
N LYS A 278 1.50 9.42 7.76
CA LYS A 278 0.93 8.79 6.59
C LYS A 278 1.84 7.62 6.26
N LEU A 279 1.37 6.40 6.54
CA LEU A 279 2.19 5.22 6.29
C LEU A 279 1.92 4.61 4.93
N VAL A 280 2.99 4.26 4.23
CA VAL A 280 2.86 3.60 2.93
C VAL A 280 4.03 2.63 2.88
N PHE A 281 3.72 1.34 3.02
CA PHE A 281 4.77 0.34 2.99
C PHE A 281 4.28 -1.07 2.73
N SER A 282 5.19 -1.91 2.22
CA SER A 282 4.90 -3.31 1.95
C SER A 282 5.93 -4.06 2.79
N VAL A 283 5.45 -4.92 3.67
CA VAL A 283 6.32 -5.66 4.57
C VAL A 283 7.10 -6.83 4.01
N TRP A 284 8.42 -6.76 4.12
CA TRP A 284 9.26 -7.88 3.74
C TRP A 284 9.90 -8.25 5.07
N ASP A 285 9.70 -9.48 5.50
CA ASP A 285 10.20 -9.96 6.78
C ASP A 285 10.48 -11.45 6.63
N ALA A 286 11.68 -11.88 6.98
CA ALA A 286 12.08 -13.29 6.82
C ALA A 286 11.91 -14.22 8.02
N GLY A 287 11.35 -13.75 9.12
CA GLY A 287 11.17 -14.62 10.27
C GLY A 287 10.86 -13.91 11.56
N GLY A 288 10.50 -14.68 12.58
CA GLY A 288 10.19 -14.09 13.87
C GLY A 288 8.71 -13.88 14.12
N ASN A 289 8.39 -13.39 15.32
CA ASN A 289 7.01 -13.12 15.72
C ASN A 289 6.85 -11.62 15.53
N ASP A 290 6.16 -11.25 14.45
CA ASP A 290 6.00 -9.85 14.08
C ASP A 290 4.65 -9.21 14.34
N THR A 291 4.67 -7.89 14.48
CA THR A 291 3.45 -7.14 14.80
C THR A 291 3.25 -5.86 14.00
N LEU A 292 2.01 -5.63 13.57
CA LEU A 292 1.68 -4.39 12.89
C LEU A 292 1.03 -3.58 14.00
N ASP A 293 1.75 -2.59 14.52
CA ASP A 293 1.24 -1.76 15.61
C ASP A 293 0.67 -0.45 15.07
N PHE A 294 -0.65 -0.36 15.01
CA PHE A 294 -1.29 0.87 14.53
C PHE A 294 -2.11 1.48 15.65
N SER A 295 -1.59 1.36 16.87
CA SER A 295 -2.24 1.85 18.07
C SER A 295 -2.38 3.37 18.17
N GLY A 296 -1.50 4.09 17.48
CA GLY A 296 -1.50 5.54 17.54
C GLY A 296 -2.47 6.32 16.67
N PHE A 297 -3.30 5.63 15.89
CA PHE A 297 -4.27 6.32 15.02
C PHE A 297 -5.66 6.28 15.64
N SER A 298 -6.46 7.29 15.33
CA SER A 298 -7.82 7.37 15.85
C SER A 298 -8.89 6.99 14.82
N GLN A 299 -8.51 6.98 13.54
CA GLN A 299 -9.45 6.63 12.48
C GLN A 299 -9.83 5.16 12.52
N ASN A 300 -10.99 4.82 11.97
CA ASN A 300 -11.42 3.42 11.92
C ASN A 300 -10.50 2.78 10.89
N GLN A 301 -9.86 1.68 11.24
CA GLN A 301 -8.93 1.03 10.33
C GLN A 301 -9.36 -0.38 9.96
N LYS A 302 -8.80 -0.88 8.86
CA LYS A 302 -9.09 -2.23 8.39
C LYS A 302 -7.74 -2.88 8.11
N ILE A 303 -7.37 -3.82 8.96
CA ILE A 303 -6.08 -4.51 8.90
C ILE A 303 -6.21 -5.97 8.51
N ASN A 304 -5.48 -6.37 7.47
CA ASN A 304 -5.54 -7.75 6.95
C ASN A 304 -4.13 -8.36 6.99
N LEU A 305 -3.95 -9.38 7.81
CA LEU A 305 -2.63 -10.01 7.96
C LEU A 305 -2.27 -11.09 6.94
N ASN A 306 -3.13 -11.33 5.96
CA ASN A 306 -2.81 -12.35 4.97
C ASN A 306 -1.73 -11.87 4.01
N GLU A 307 -0.92 -12.78 3.50
CA GLU A 307 0.13 -12.40 2.57
C GLU A 307 -0.52 -11.79 1.33
N LYS A 308 0.14 -10.77 0.78
CA LYS A 308 -0.33 -10.06 -0.41
C LYS A 308 -1.55 -9.19 -0.20
N ALA A 309 -2.08 -9.18 1.02
CA ALA A 309 -3.27 -8.38 1.32
C ALA A 309 -2.95 -6.91 1.60
N LEU A 310 -3.89 -6.05 1.26
CA LEU A 310 -3.74 -4.61 1.51
C LEU A 310 -4.65 -4.21 2.65
N SER A 311 -4.21 -3.22 3.44
CA SER A 311 -4.96 -2.73 4.59
C SER A 311 -5.16 -1.21 4.49
N ASP A 312 -6.20 -0.71 5.16
CA ASP A 312 -6.51 0.72 5.19
C ASP A 312 -6.05 1.17 6.58
N VAL A 313 -4.93 1.88 6.61
CA VAL A 313 -4.34 2.28 7.88
C VAL A 313 -4.17 3.78 8.10
N GLY A 314 -4.46 4.22 9.32
CA GLY A 314 -4.32 5.63 9.66
C GLY A 314 -5.04 6.61 8.75
N GLY A 315 -6.26 6.25 8.32
CA GLY A 315 -7.02 7.15 7.49
C GLY A 315 -6.79 7.06 5.99
N LEU A 316 -5.80 6.25 5.59
CA LEU A 316 -5.50 6.07 4.17
C LEU A 316 -6.18 4.78 3.68
N LYS A 317 -6.15 4.56 2.37
CA LYS A 317 -6.76 3.37 1.78
C LYS A 317 -5.73 2.50 1.07
N GLY A 318 -5.67 1.22 1.44
CA GLY A 318 -4.76 0.27 0.82
C GLY A 318 -3.30 0.70 0.83
N ASN A 319 -2.89 1.35 1.92
CA ASN A 319 -1.53 1.85 2.05
C ASN A 319 -0.52 0.91 2.69
N VAL A 320 -1.01 -0.13 3.37
CA VAL A 320 -0.13 -1.11 4.00
C VAL A 320 -0.37 -2.47 3.38
N SER A 321 0.69 -3.17 3.04
CA SER A 321 0.55 -4.51 2.46
C SER A 321 1.63 -5.43 3.00
N ILE A 322 1.46 -6.72 2.76
CA ILE A 322 2.43 -7.73 3.20
C ILE A 322 2.89 -8.48 1.95
N ALA A 323 4.21 -8.53 1.76
CA ALA A 323 4.77 -9.19 0.58
C ALA A 323 4.43 -10.67 0.49
N ALA A 324 4.45 -11.19 -0.72
CA ALA A 324 4.17 -12.60 -0.95
C ALA A 324 5.22 -13.42 -0.21
N GLY A 325 4.78 -14.47 0.48
CA GLY A 325 5.68 -15.33 1.20
C GLY A 325 5.99 -14.90 2.63
N VAL A 326 5.43 -13.77 3.05
CA VAL A 326 5.67 -13.26 4.39
C VAL A 326 4.56 -13.59 5.39
N THR A 327 4.95 -13.97 6.59
CA THR A 327 3.98 -14.30 7.63
C THR A 327 4.09 -13.30 8.78
N VAL A 328 3.08 -12.43 8.90
CA VAL A 328 3.03 -11.45 9.99
C VAL A 328 2.02 -12.03 10.98
N GLU A 329 2.46 -12.19 12.23
CA GLU A 329 1.63 -12.81 13.25
C GLU A 329 0.60 -11.98 14.00
N ASN A 330 0.94 -10.75 14.37
CA ASN A 330 0.05 -9.93 15.17
C ASN A 330 -0.35 -8.55 14.63
N ALA A 331 -1.43 -8.01 15.19
CA ALA A 331 -1.93 -6.69 14.80
C ALA A 331 -2.59 -5.99 15.98
N ILE A 332 -2.32 -4.69 16.10
CA ILE A 332 -2.88 -3.87 17.16
C ILE A 332 -3.62 -2.69 16.54
N GLY A 333 -4.93 -2.60 16.81
CA GLY A 333 -5.70 -1.51 16.27
C GLY A 333 -5.47 -0.21 17.03
N GLY A 334 -6.20 0.84 16.66
CA GLY A 334 -6.07 2.12 17.31
C GLY A 334 -7.30 2.43 18.16
N SER A 335 -7.51 3.70 18.48
CA SER A 335 -8.65 4.09 19.30
C SER A 335 -9.97 4.13 18.53
N GLY A 336 -9.91 3.90 17.22
CA GLY A 336 -11.13 3.90 16.44
C GLY A 336 -11.74 2.51 16.41
N SER A 337 -12.86 2.35 15.73
CA SER A 337 -13.50 1.04 15.61
C SER A 337 -12.83 0.37 14.42
N ASP A 338 -12.05 -0.65 14.69
CA ASP A 338 -11.29 -1.34 13.66
C ASP A 338 -11.73 -2.75 13.30
N LEU A 339 -11.28 -3.19 12.13
CA LEU A 339 -11.54 -4.52 11.63
C LEU A 339 -10.16 -5.16 11.58
N LEU A 340 -9.95 -6.21 12.37
CA LEU A 340 -8.67 -6.90 12.38
C LEU A 340 -8.85 -8.33 11.88
N ILE A 341 -8.23 -8.63 10.75
CA ILE A 341 -8.33 -9.95 10.13
C ILE A 341 -7.00 -10.68 10.22
N GLY A 342 -7.02 -11.83 10.90
CA GLY A 342 -5.80 -12.62 11.03
C GLY A 342 -5.59 -13.51 9.82
N ASN A 343 -4.57 -14.36 9.88
CA ASN A 343 -4.28 -15.26 8.79
C ASN A 343 -4.32 -16.72 9.29
N ASP A 344 -3.75 -17.63 8.52
CA ASP A 344 -3.78 -19.05 8.87
C ASP A 344 -3.03 -19.50 10.12
N VAL A 345 -2.08 -18.71 10.61
CA VAL A 345 -1.34 -19.11 11.80
C VAL A 345 -1.95 -18.49 13.05
N ALA A 346 -1.42 -18.85 14.21
CA ALA A 346 -1.90 -18.32 15.47
C ALA A 346 -1.53 -16.84 15.52
N ASN A 347 -2.54 -15.98 15.67
CA ASN A 347 -2.33 -14.54 15.72
C ASN A 347 -2.77 -13.93 17.02
N VAL A 348 -2.13 -12.82 17.39
CA VAL A 348 -2.52 -12.08 18.58
C VAL A 348 -3.12 -10.82 17.95
N LEU A 349 -4.41 -10.60 18.18
CA LEU A 349 -5.08 -9.43 17.64
C LEU A 349 -5.62 -8.63 18.81
N LYS A 350 -5.30 -7.33 18.84
CA LYS A 350 -5.76 -6.45 19.89
C LYS A 350 -6.49 -5.25 19.29
N GLY A 351 -7.77 -5.13 19.59
CA GLY A 351 -8.57 -4.05 19.03
C GLY A 351 -8.33 -2.66 19.58
N GLY A 352 -7.94 -2.58 20.85
CA GLY A 352 -7.73 -1.28 21.45
C GLY A 352 -9.09 -0.67 21.76
N ALA A 353 -9.14 0.63 22.01
CA ALA A 353 -10.40 1.29 22.30
C ALA A 353 -11.28 1.21 21.04
N GLY A 354 -12.57 1.47 21.19
CA GLY A 354 -13.46 1.41 20.06
C GLY A 354 -14.16 0.06 19.93
N ASN A 355 -15.23 0.02 19.14
CA ASN A 355 -15.98 -1.22 18.93
C ASN A 355 -15.37 -1.93 17.73
N ASP A 356 -14.41 -2.79 18.02
CA ASP A 356 -13.68 -3.51 16.99
C ASP A 356 -14.31 -4.83 16.59
N ILE A 357 -13.91 -5.32 15.41
CA ILE A 357 -14.39 -6.59 14.89
C ILE A 357 -13.13 -7.41 14.63
N LEU A 358 -12.96 -8.49 15.38
CA LEU A 358 -11.78 -9.34 15.23
C LEU A 358 -12.13 -10.68 14.61
N TYR A 359 -11.27 -11.12 13.70
CA TYR A 359 -11.45 -12.38 13.00
C TYR A 359 -10.11 -13.11 12.97
N GLY A 360 -9.98 -14.11 13.84
CA GLY A 360 -8.74 -14.86 13.93
C GLY A 360 -8.39 -15.74 12.75
N GLY A 361 -9.41 -16.29 12.09
CA GLY A 361 -9.15 -17.17 10.96
C GLY A 361 -8.64 -18.50 11.49
N LEU A 362 -7.88 -19.22 10.66
CA LEU A 362 -7.35 -20.51 11.10
C LEU A 362 -6.30 -20.33 12.19
N GLY A 363 -6.04 -21.41 12.92
CA GLY A 363 -5.07 -21.38 14.00
C GLY A 363 -5.70 -20.98 15.31
N ALA A 364 -5.01 -21.26 16.42
CA ALA A 364 -5.50 -20.92 17.75
C ALA A 364 -5.07 -19.50 18.05
N ASP A 365 -5.97 -18.56 17.84
CA ASP A 365 -5.68 -17.14 18.04
C ASP A 365 -5.97 -16.58 19.43
N GLN A 366 -5.17 -15.60 19.84
CA GLN A 366 -5.34 -14.94 21.12
C GLN A 366 -5.95 -13.59 20.77
N LEU A 367 -7.23 -13.42 21.10
CA LEU A 367 -7.94 -12.20 20.75
C LEU A 367 -8.30 -11.30 21.93
N TRP A 368 -7.91 -10.03 21.83
CA TRP A 368 -8.18 -9.04 22.85
C TRP A 368 -9.06 -7.96 22.22
N GLY A 369 -10.24 -7.75 22.77
CA GLY A 369 -11.10 -6.71 22.23
C GLY A 369 -10.70 -5.34 22.73
N GLY A 370 -10.16 -5.29 23.94
CA GLY A 370 -9.77 -4.03 24.53
C GLY A 370 -11.04 -3.36 25.03
N ALA A 371 -10.99 -2.05 25.27
CA ALA A 371 -12.16 -1.33 25.73
C ALA A 371 -13.19 -1.25 24.60
N GLY A 372 -14.46 -1.06 24.96
CA GLY A 372 -15.51 -0.96 23.96
C GLY A 372 -16.26 -2.26 23.73
N ALA A 373 -17.29 -2.19 22.89
CA ALA A 373 -18.10 -3.36 22.56
C ALA A 373 -17.49 -4.05 21.35
N ASP A 374 -16.73 -5.11 21.60
CA ASP A 374 -16.06 -5.84 20.53
C ASP A 374 -16.76 -7.12 20.09
N THR A 375 -16.50 -7.51 18.86
CA THR A 375 -17.13 -8.69 18.29
C THR A 375 -16.07 -9.63 17.72
N PHE A 376 -16.13 -10.90 18.13
CA PHE A 376 -15.18 -11.90 17.66
C PHE A 376 -15.94 -12.79 16.67
N VAL A 377 -15.55 -12.68 15.41
CA VAL A 377 -16.20 -13.39 14.31
C VAL A 377 -15.60 -14.72 13.89
N TYR A 378 -16.48 -15.67 13.59
CA TYR A 378 -16.09 -17.00 13.13
C TYR A 378 -16.88 -17.32 11.86
N GLY A 379 -16.17 -17.70 10.80
CA GLY A 379 -16.84 -18.01 9.54
C GLY A 379 -16.78 -19.49 9.19
N ASP A 380 -16.00 -20.25 9.95
CA ASP A 380 -15.87 -21.68 9.71
C ASP A 380 -15.46 -22.36 11.02
N ILE A 381 -16.09 -23.48 11.33
CA ILE A 381 -15.78 -24.18 12.58
C ILE A 381 -14.30 -24.55 12.70
N ALA A 382 -13.64 -24.74 11.56
CA ALA A 382 -12.23 -25.09 11.54
C ALA A 382 -11.36 -23.97 12.12
N GLU A 383 -11.92 -22.77 12.21
CA GLU A 383 -11.18 -21.63 12.73
C GLU A 383 -10.94 -21.69 14.24
N SER A 384 -11.70 -22.54 14.93
CA SER A 384 -11.52 -22.70 16.37
C SER A 384 -11.99 -24.09 16.75
N SER A 385 -11.23 -25.09 16.29
CA SER A 385 -11.53 -26.49 16.55
C SER A 385 -11.32 -26.81 18.02
N ALA A 386 -11.94 -27.90 18.47
CA ALA A 386 -11.80 -28.30 19.87
C ALA A 386 -10.33 -28.62 20.16
N ALA A 387 -9.61 -29.05 19.14
CA ALA A 387 -8.20 -29.40 19.27
C ALA A 387 -7.28 -28.20 19.43
N ALA A 388 -7.61 -27.09 18.79
CA ALA A 388 -6.80 -25.88 18.86
C ALA A 388 -7.69 -24.64 18.91
N PRO A 389 -8.40 -24.45 20.01
CA PRO A 389 -9.30 -23.31 20.18
C PRO A 389 -8.66 -21.95 20.39
N ASP A 390 -9.37 -20.90 19.99
CA ASP A 390 -8.91 -19.53 20.19
C ASP A 390 -9.12 -19.30 21.68
N THR A 391 -8.60 -18.18 22.16
CA THR A 391 -8.79 -17.79 23.55
C THR A 391 -9.13 -16.30 23.51
N LEU A 392 -10.28 -15.95 24.07
CA LEU A 392 -10.69 -14.55 24.14
C LEU A 392 -10.15 -14.11 25.50
N ARG A 393 -9.09 -13.30 25.46
CA ARG A 393 -8.38 -12.86 26.65
C ARG A 393 -8.95 -11.74 27.53
N ASP A 394 -10.02 -11.09 27.11
CA ASP A 394 -10.59 -10.02 27.92
C ASP A 394 -12.08 -9.84 27.69
N PHE A 395 -12.78 -10.96 27.60
CA PHE A 395 -14.22 -10.95 27.34
C PHE A 395 -15.06 -10.38 28.47
N VAL A 396 -15.97 -9.46 28.12
CA VAL A 396 -16.86 -8.84 29.09
C VAL A 396 -18.31 -9.10 28.72
N SER A 397 -18.96 -9.99 29.46
CA SER A 397 -20.36 -10.33 29.20
C SER A 397 -21.22 -9.07 29.19
N GLY A 398 -22.18 -9.02 28.27
CA GLY A 398 -23.05 -7.86 28.17
C GLY A 398 -22.49 -6.75 27.31
N GLN A 399 -21.20 -6.84 26.99
CA GLN A 399 -20.56 -5.82 26.17
C GLN A 399 -20.01 -6.42 24.87
N ASP A 400 -19.19 -7.46 24.99
CA ASP A 400 -18.60 -8.11 23.83
C ASP A 400 -19.51 -9.21 23.31
N LYS A 401 -19.24 -9.68 22.09
CA LYS A 401 -20.06 -10.71 21.48
C LYS A 401 -19.23 -11.75 20.71
N ILE A 402 -19.69 -12.99 20.77
CA ILE A 402 -19.07 -14.09 20.03
C ILE A 402 -20.04 -14.23 18.86
N ASP A 403 -19.55 -13.97 17.66
CA ASP A 403 -20.38 -14.00 16.45
C ASP A 403 -20.18 -15.23 15.58
N LEU A 404 -21.19 -16.09 15.53
CA LEU A 404 -21.15 -17.32 14.74
C LEU A 404 -22.18 -17.25 13.62
N SER A 405 -22.79 -16.08 13.43
CA SER A 405 -23.84 -15.90 12.43
C SER A 405 -23.52 -16.31 10.99
N GLY A 406 -22.25 -16.24 10.61
CA GLY A 406 -21.87 -16.60 9.25
C GLY A 406 -21.58 -18.07 9.02
N LEU A 407 -21.58 -18.87 10.08
CA LEU A 407 -21.32 -20.30 9.94
C LEU A 407 -22.34 -20.99 9.07
N ASP A 408 -21.84 -21.84 8.18
CA ASP A 408 -22.66 -22.59 7.25
C ASP A 408 -23.83 -23.29 7.96
N ALA A 409 -23.52 -23.90 9.11
CA ALA A 409 -24.51 -24.62 9.90
C ALA A 409 -25.76 -23.79 10.18
N PHE A 410 -25.56 -22.49 10.40
CA PHE A 410 -26.69 -21.61 10.68
C PHE A 410 -27.34 -21.01 9.44
N VAL A 411 -26.56 -20.27 8.66
CA VAL A 411 -27.09 -19.60 7.47
C VAL A 411 -27.57 -20.50 6.35
N ASN A 412 -27.05 -21.72 6.28
CA ASN A 412 -27.47 -22.65 5.25
C ASN A 412 -28.13 -23.90 5.81
N GLY A 413 -27.64 -24.37 6.95
CA GLY A 413 -28.19 -25.57 7.57
C GLY A 413 -29.34 -25.33 8.52
N GLY A 414 -29.51 -24.09 8.95
CA GLY A 414 -30.60 -23.76 9.87
C GLY A 414 -30.49 -24.44 11.22
N LEU A 415 -29.28 -24.84 11.60
CA LEU A 415 -29.06 -25.51 12.88
C LEU A 415 -29.47 -24.58 14.02
N VAL A 416 -30.03 -25.16 15.07
CA VAL A 416 -30.44 -24.37 16.23
C VAL A 416 -29.66 -24.90 17.43
N LEU A 417 -29.04 -23.99 18.19
CA LEU A 417 -28.25 -24.39 19.35
C LEU A 417 -29.11 -24.75 20.54
N GLN A 418 -28.67 -25.80 21.26
CA GLN A 418 -29.35 -26.26 22.46
C GLN A 418 -28.30 -26.30 23.55
N TYR A 419 -28.40 -25.38 24.51
CA TYR A 419 -27.44 -25.32 25.60
C TYR A 419 -27.72 -26.43 26.61
N VAL A 420 -26.69 -27.23 26.89
CA VAL A 420 -26.80 -28.35 27.83
C VAL A 420 -25.57 -28.43 28.72
N ASP A 421 -25.55 -29.40 29.62
CA ASP A 421 -24.41 -29.59 30.53
C ASP A 421 -23.48 -30.67 29.99
N ALA A 422 -23.99 -31.47 29.05
CA ALA A 422 -23.20 -32.53 28.45
C ALA A 422 -23.80 -32.97 27.12
N PHE A 423 -22.95 -33.31 26.17
CA PHE A 423 -23.40 -33.75 24.85
C PHE A 423 -24.13 -35.09 24.94
N ALA A 424 -25.13 -35.28 24.09
CA ALA A 424 -25.91 -36.52 24.09
C ALA A 424 -26.18 -37.02 22.67
N GLY A 425 -25.30 -36.68 21.73
CA GLY A 425 -25.48 -37.12 20.36
C GLY A 425 -26.53 -36.37 19.58
N LYS A 426 -26.56 -35.04 19.75
CA LYS A 426 -27.51 -34.19 19.05
C LYS A 426 -26.77 -32.98 18.50
N ALA A 427 -26.78 -32.83 17.18
CA ALA A 427 -26.09 -31.73 16.53
C ALA A 427 -26.62 -30.39 17.05
N GLY A 428 -25.71 -29.47 17.33
CA GLY A 428 -26.13 -28.15 17.82
C GLY A 428 -26.06 -27.98 19.32
N GLN A 429 -25.82 -29.07 20.05
CA GLN A 429 -25.73 -28.95 21.50
C GLN A 429 -24.46 -28.19 21.85
N ALA A 430 -24.58 -27.26 22.79
CA ALA A 430 -23.46 -26.43 23.21
C ALA A 430 -23.33 -26.38 24.72
N ILE A 431 -22.08 -26.32 25.19
CA ILE A 431 -21.80 -26.25 26.61
C ILE A 431 -21.07 -24.96 26.97
N LEU A 432 -21.70 -24.15 27.81
CA LEU A 432 -21.12 -22.90 28.27
C LEU A 432 -20.60 -23.14 29.67
N SER A 433 -19.29 -23.04 29.85
CA SER A 433 -18.69 -23.27 31.16
C SER A 433 -17.98 -22.03 31.68
N TYR A 434 -17.91 -21.91 33.00
CA TYR A 434 -17.22 -20.79 33.62
C TYR A 434 -16.85 -21.10 35.06
N ASP A 435 -15.59 -20.87 35.41
CA ASP A 435 -15.10 -21.10 36.75
C ASP A 435 -14.75 -19.77 37.38
N ALA A 436 -15.55 -19.34 38.36
CA ALA A 436 -15.32 -18.07 39.03
C ALA A 436 -13.94 -17.98 39.66
N ALA A 437 -13.46 -19.10 40.19
CA ALA A 437 -12.15 -19.14 40.82
C ALA A 437 -11.04 -18.70 39.86
N SER A 438 -10.89 -19.45 38.77
CA SER A 438 -9.86 -19.16 37.77
C SER A 438 -10.28 -18.05 36.83
N LYS A 439 -11.58 -17.73 36.82
CA LYS A 439 -12.13 -16.71 35.94
C LYS A 439 -12.06 -17.20 34.50
N ALA A 440 -11.78 -18.49 34.35
CA ALA A 440 -11.69 -19.11 33.04
C ALA A 440 -13.00 -19.74 32.60
N GLY A 441 -13.30 -19.63 31.32
CA GLY A 441 -14.53 -20.20 30.80
C GLY A 441 -14.32 -20.80 29.42
N SER A 442 -15.39 -21.29 28.81
CA SER A 442 -15.30 -21.88 27.48
C SER A 442 -16.65 -22.17 26.87
N LEU A 443 -16.68 -22.20 25.54
CA LEU A 443 -17.87 -22.52 24.79
C LEU A 443 -17.48 -23.70 23.93
N ALA A 444 -18.21 -24.80 24.05
CA ALA A 444 -17.93 -26.00 23.28
C ALA A 444 -19.20 -26.42 22.54
N ILE A 445 -19.06 -26.69 21.25
CA ILE A 445 -20.21 -27.08 20.44
C ILE A 445 -19.97 -28.35 19.65
N ASP A 446 -20.99 -29.19 19.59
CA ASP A 446 -20.94 -30.43 18.83
C ASP A 446 -21.85 -30.24 17.63
N PHE A 447 -21.26 -29.76 16.53
CA PHE A 447 -22.00 -29.51 15.30
C PHE A 447 -22.40 -30.77 14.55
N SER A 448 -21.52 -31.78 14.56
CA SER A 448 -21.79 -33.03 13.85
C SER A 448 -22.88 -33.86 14.53
N GLY A 449 -22.94 -33.79 15.86
CA GLY A 449 -23.93 -34.55 16.59
C GLY A 449 -23.44 -35.93 17.00
N ASP A 450 -22.12 -36.08 17.09
CA ASP A 450 -21.52 -37.36 17.48
C ASP A 450 -21.16 -37.34 18.96
N ALA A 451 -21.74 -36.40 19.69
CA ALA A 451 -21.51 -36.26 21.13
C ALA A 451 -20.11 -35.77 21.46
N HIS A 452 -19.38 -35.31 20.45
CA HIS A 452 -18.02 -34.82 20.66
C HIS A 452 -17.89 -33.38 20.14
N ALA A 453 -17.33 -32.51 20.97
CA ALA A 453 -17.15 -31.12 20.59
C ALA A 453 -16.20 -31.02 19.39
N ASP A 454 -16.60 -30.25 18.38
CA ASP A 454 -15.77 -30.06 17.20
C ASP A 454 -15.47 -28.58 17.01
N PHE A 455 -15.93 -27.77 17.96
CA PHE A 455 -15.72 -26.33 17.95
C PHE A 455 -15.64 -25.89 19.41
N ALA A 456 -14.62 -25.10 19.73
CA ALA A 456 -14.46 -24.62 21.10
C ALA A 456 -13.70 -23.30 21.16
N ILE A 457 -14.08 -22.48 22.12
CA ILE A 457 -13.44 -21.18 22.32
C ILE A 457 -13.15 -21.01 23.80
N ASN A 458 -11.89 -20.82 24.15
CA ASN A 458 -11.53 -20.62 25.55
C ASN A 458 -11.76 -19.16 25.90
N LEU A 459 -12.09 -18.90 27.15
CA LEU A 459 -12.37 -17.54 27.60
C LEU A 459 -11.70 -17.16 28.90
N ILE A 460 -11.34 -15.88 28.99
CA ILE A 460 -10.78 -15.29 30.20
C ILE A 460 -11.85 -14.24 30.42
N GLY A 461 -12.85 -14.59 31.23
CA GLY A 461 -13.96 -13.69 31.48
C GLY A 461 -15.18 -14.49 31.08
N GLN A 462 -16.28 -14.34 31.81
CA GLN A 462 -17.48 -15.11 31.53
C GLN A 462 -18.32 -14.66 30.34
N ALA A 463 -18.92 -15.63 29.67
CA ALA A 463 -19.79 -15.39 28.53
C ALA A 463 -21.09 -16.15 28.79
N THR A 464 -22.22 -15.53 28.48
CA THR A 464 -23.52 -16.17 28.68
C THR A 464 -24.15 -16.43 27.32
N GLN A 465 -25.31 -17.08 27.32
CA GLN A 465 -25.99 -17.39 26.08
C GLN A 465 -26.32 -16.11 25.29
N ALA A 466 -26.59 -15.03 26.01
CA ALA A 466 -26.93 -13.76 25.38
C ALA A 466 -25.75 -13.11 24.67
N ASP A 467 -24.54 -13.54 25.00
CA ASP A 467 -23.33 -12.98 24.39
C ASP A 467 -22.94 -13.69 23.10
N ILE A 468 -23.70 -14.70 22.73
CA ILE A 468 -23.41 -15.46 21.53
C ILE A 468 -24.44 -15.20 20.43
N VAL A 469 -23.97 -14.66 19.31
CA VAL A 469 -24.82 -14.33 18.17
C VAL A 469 -24.77 -15.45 17.14
N VAL A 470 -25.95 -15.88 16.67
CA VAL A 470 -26.03 -16.94 15.67
C VAL A 470 -26.84 -16.49 14.47
N SER B 1 12.93 6.48 -15.83
CA SER B 1 12.43 7.88 -16.03
C SER B 1 11.17 8.12 -15.21
N SER B 2 11.02 9.35 -14.73
CA SER B 2 9.89 9.70 -13.89
C SER B 2 9.16 10.94 -14.40
N LEU B 3 7.86 10.96 -14.19
CA LEU B 3 7.04 12.09 -14.61
C LEU B 3 7.34 13.30 -13.74
N ILE B 4 7.20 14.48 -14.33
CA ILE B 4 7.39 15.71 -13.60
C ILE B 4 6.16 15.90 -12.73
N LEU B 5 6.35 16.08 -11.42
CA LEU B 5 5.22 16.33 -10.54
C LEU B 5 5.08 17.84 -10.50
N LEU B 6 4.07 18.37 -11.18
CA LEU B 6 3.84 19.80 -11.23
C LEU B 6 3.49 20.35 -9.86
N SER B 7 3.83 21.61 -9.63
CA SER B 7 3.53 22.25 -8.35
C SER B 7 2.15 22.89 -8.44
N ALA B 8 1.59 23.27 -7.30
CA ALA B 8 0.28 23.90 -7.30
C ALA B 8 0.37 25.21 -8.08
N SER B 9 1.50 25.91 -7.95
CA SER B 9 1.68 27.17 -8.66
C SER B 9 1.70 26.98 -10.17
N ASP B 10 2.19 25.82 -10.62
CA ASP B 10 2.25 25.54 -12.06
C ASP B 10 0.87 25.39 -12.68
N LEU B 11 -0.10 24.95 -11.88
CA LEU B 11 -1.46 24.73 -12.36
C LEU B 11 -2.50 25.74 -11.88
N ALA B 12 -2.13 26.59 -10.93
CA ALA B 12 -3.06 27.57 -10.37
C ALA B 12 -3.72 28.45 -11.43
N GLY B 13 -4.98 28.78 -11.20
CA GLY B 13 -5.70 29.62 -12.15
C GLY B 13 -7.16 29.28 -12.30
N GLN B 14 -7.79 29.86 -13.33
CA GLN B 14 -9.19 29.62 -13.62
C GLN B 14 -9.34 28.44 -14.56
N TRP B 15 -10.16 27.48 -14.16
CA TRP B 15 -10.41 26.28 -14.97
C TRP B 15 -11.90 26.01 -15.06
N THR B 16 -12.30 25.23 -16.05
CA THR B 16 -13.70 24.86 -16.21
C THR B 16 -13.75 23.36 -16.31
N LEU B 17 -14.75 22.76 -15.70
CA LEU B 17 -14.94 21.32 -15.76
C LEU B 17 -16.29 21.14 -16.43
N GLN B 18 -16.31 20.46 -17.57
CA GLN B 18 -17.58 20.26 -18.25
C GLN B 18 -17.73 18.87 -18.82
N GLN B 19 -18.97 18.44 -18.98
CA GLN B 19 -19.26 17.12 -19.52
C GLN B 19 -19.13 17.15 -21.03
N ASP B 20 -18.16 16.41 -21.56
CA ASP B 20 -17.92 16.34 -22.99
C ASP B 20 -18.06 17.72 -23.63
N GLU B 21 -18.93 17.82 -24.63
CA GLU B 21 -19.18 19.08 -25.31
C GLU B 21 -20.55 19.58 -24.86
N ALA B 22 -21.15 18.85 -23.92
CA ALA B 22 -22.46 19.18 -23.37
C ALA B 22 -22.43 20.50 -22.60
N PRO B 23 -23.62 21.04 -22.27
CA PRO B 23 -23.73 22.30 -21.54
C PRO B 23 -23.32 22.23 -20.07
N ALA B 24 -23.46 21.06 -19.46
CA ALA B 24 -23.11 20.87 -18.05
C ALA B 24 -21.67 21.31 -17.78
N ILE B 25 -21.52 22.41 -17.06
CA ILE B 25 -20.19 22.92 -16.76
C ILE B 25 -20.12 23.60 -15.39
N CYS B 26 -18.92 23.61 -14.81
CA CYS B 26 -18.69 24.25 -13.52
C CYS B 26 -17.38 25.04 -13.59
N HIS B 27 -17.41 26.28 -13.09
CA HIS B 27 -16.23 27.15 -13.08
C HIS B 27 -15.47 26.95 -11.77
N LEU B 28 -14.18 26.62 -11.87
CA LEU B 28 -13.38 26.40 -10.68
C LEU B 28 -12.15 27.29 -10.61
N GLU B 29 -11.64 27.45 -9.40
CA GLU B 29 -10.46 28.26 -9.18
C GLU B 29 -9.44 27.45 -8.38
N LEU B 30 -8.39 27.01 -9.06
CA LEU B 30 -7.34 26.25 -8.41
C LEU B 30 -6.33 27.25 -7.85
N ARG B 31 -6.24 27.32 -6.52
CA ARG B 31 -5.31 28.24 -5.87
C ARG B 31 -4.09 27.47 -5.41
N ASP B 32 -3.00 28.17 -5.09
CA ASP B 32 -1.80 27.50 -4.62
C ASP B 32 -1.57 27.69 -3.13
N SER B 33 -2.61 28.12 -2.41
CA SER B 33 -2.52 28.31 -0.98
C SER B 33 -2.77 26.95 -0.31
N GLU B 34 -1.92 26.61 0.65
CA GLU B 34 -2.01 25.31 1.34
C GLU B 34 -3.20 25.10 2.27
N VAL B 35 -3.71 23.88 2.28
CA VAL B 35 -4.81 23.47 3.14
C VAL B 35 -4.31 22.25 3.89
N ALA B 36 -3.87 22.46 5.13
CA ALA B 36 -3.31 21.41 5.97
C ALA B 36 -4.14 20.15 6.15
N GLU B 37 -5.40 20.29 6.57
CA GLU B 37 -6.26 19.15 6.81
C GLU B 37 -6.44 18.21 5.63
N ALA B 38 -6.43 18.76 4.42
CA ALA B 38 -6.62 17.96 3.21
C ALA B 38 -5.31 17.60 2.53
N SER B 39 -4.19 18.01 3.11
CA SER B 39 -2.88 17.74 2.53
C SER B 39 -2.91 18.18 1.07
N GLY B 40 -3.42 19.38 0.85
CA GLY B 40 -3.51 19.90 -0.50
C GLY B 40 -3.57 21.41 -0.58
N TYR B 41 -4.31 21.91 -1.57
CA TYR B 41 -4.43 23.34 -1.78
C TYR B 41 -5.87 23.77 -1.94
N ASP B 42 -6.13 25.05 -1.70
CA ASP B 42 -7.49 25.58 -1.81
C ASP B 42 -8.08 25.48 -3.21
N LEU B 43 -9.33 25.04 -3.26
CA LEU B 43 -10.08 24.93 -4.50
C LEU B 43 -11.24 25.91 -4.33
N GLY B 44 -11.23 26.97 -5.12
CA GLY B 44 -12.29 27.96 -5.00
C GLY B 44 -13.21 27.98 -6.21
N GLY B 45 -13.92 29.09 -6.37
CA GLY B 45 -14.84 29.21 -7.48
C GLY B 45 -16.15 28.53 -7.15
N ASP B 46 -16.86 28.07 -8.17
CA ASP B 46 -18.14 27.41 -7.97
C ASP B 46 -17.99 25.91 -7.65
N THR B 47 -17.43 25.61 -6.49
CA THR B 47 -17.25 24.22 -6.08
C THR B 47 -18.57 23.53 -5.74
N ALA B 48 -19.56 24.30 -5.30
CA ALA B 48 -20.86 23.73 -4.96
C ALA B 48 -21.49 23.09 -6.20
N CYS B 49 -21.15 23.65 -7.36
CA CYS B 49 -21.65 23.16 -8.64
C CYS B 49 -21.23 21.70 -8.84
N LEU B 50 -20.07 21.36 -8.30
CA LEU B 50 -19.53 20.00 -8.44
C LEU B 50 -20.37 18.90 -7.81
N THR B 51 -21.30 19.25 -6.92
CA THR B 51 -22.13 18.22 -6.30
C THR B 51 -23.06 17.58 -7.32
N ARG B 52 -23.05 18.11 -8.54
CA ARG B 52 -23.88 17.55 -9.60
C ARG B 52 -23.22 16.25 -10.08
N TRP B 53 -21.92 16.11 -9.80
CA TRP B 53 -21.16 14.94 -10.20
C TRP B 53 -20.54 14.18 -9.03
N LEU B 54 -20.43 14.85 -7.89
CA LEU B 54 -19.82 14.24 -6.72
C LEU B 54 -20.75 14.15 -5.51
N PRO B 55 -20.50 13.18 -4.62
CA PRO B 55 -21.32 12.98 -3.42
C PRO B 55 -21.20 14.11 -2.39
N SER B 56 -20.12 14.89 -2.49
CA SER B 56 -19.92 16.01 -1.58
C SER B 56 -19.13 17.11 -2.28
N GLU B 57 -19.14 18.31 -1.72
CA GLU B 57 -18.44 19.44 -2.31
C GLU B 57 -16.96 19.50 -1.94
N PRO B 58 -16.08 19.40 -2.95
CA PRO B 58 -14.65 19.45 -2.65
C PRO B 58 -14.21 20.90 -2.54
N ARG B 59 -13.35 21.20 -1.58
CA ARG B 59 -12.85 22.55 -1.40
C ARG B 59 -11.34 22.58 -1.37
N ALA B 60 -10.73 21.49 -1.85
CA ALA B 60 -9.27 21.38 -1.91
C ALA B 60 -8.90 20.51 -3.09
N TRP B 61 -7.64 20.62 -3.52
CA TRP B 61 -7.13 19.85 -4.64
C TRP B 61 -5.62 19.74 -4.53
N ARG B 62 -5.03 18.88 -5.36
CA ARG B 62 -3.59 18.75 -5.37
C ARG B 62 -3.15 18.12 -6.67
N PRO B 63 -1.98 18.50 -7.16
CA PRO B 63 -1.46 17.94 -8.41
C PRO B 63 -0.96 16.53 -8.11
N THR B 64 -1.02 15.66 -9.10
CA THR B 64 -0.50 14.30 -8.96
C THR B 64 0.45 14.17 -10.15
N PRO B 65 1.35 13.18 -10.13
CA PRO B 65 2.28 13.03 -11.26
C PRO B 65 1.66 13.02 -12.65
N ALA B 66 0.47 12.45 -12.79
CA ALA B 66 -0.20 12.39 -14.08
C ALA B 66 -1.65 12.87 -14.01
N GLY B 67 -1.92 13.86 -13.16
CA GLY B 67 -3.28 14.34 -13.06
C GLY B 67 -3.52 15.40 -12.00
N ILE B 68 -4.79 15.57 -11.66
CA ILE B 68 -5.25 16.53 -10.67
C ILE B 68 -6.32 15.82 -9.83
N ALA B 69 -6.20 15.94 -8.50
CA ALA B 69 -7.15 15.31 -7.61
C ALA B 69 -7.98 16.34 -6.85
N LEU B 70 -9.30 16.13 -6.82
CA LEU B 70 -10.21 17.02 -6.09
C LEU B 70 -10.45 16.27 -4.78
N LEU B 71 -10.30 16.99 -3.66
CA LEU B 71 -10.37 16.38 -2.33
C LEU B 71 -11.45 16.80 -1.36
N GLU B 72 -11.82 15.87 -0.47
CA GLU B 72 -12.79 16.14 0.59
C GLU B 72 -11.92 16.73 1.71
N ARG B 73 -12.55 17.33 2.72
CA ARG B 73 -11.80 17.97 3.79
C ARG B 73 -10.68 17.15 4.45
N GLY B 74 -10.87 15.84 4.55
CA GLY B 74 -9.85 15.00 5.17
C GLY B 74 -8.67 14.61 4.29
N GLY B 75 -8.73 15.00 3.02
CA GLY B 75 -7.63 14.69 2.11
C GLY B 75 -7.86 13.54 1.14
N LEU B 76 -8.95 12.81 1.29
CA LEU B 76 -9.22 11.70 0.37
C LEU B 76 -9.67 12.24 -0.98
N THR B 77 -9.36 11.51 -2.04
CA THR B 77 -9.72 11.91 -3.39
C THR B 77 -11.17 11.58 -3.75
N LEU B 78 -11.90 12.60 -4.20
CA LEU B 78 -13.29 12.44 -4.61
C LEU B 78 -13.33 12.22 -6.13
N MET B 79 -12.35 12.80 -6.82
CA MET B 79 -12.25 12.71 -8.26
C MET B 79 -10.80 12.87 -8.72
N LEU B 80 -10.34 11.96 -9.56
CA LEU B 80 -8.99 12.07 -10.12
C LEU B 80 -9.12 12.31 -11.61
N LEU B 81 -8.61 13.45 -12.05
CA LEU B 81 -8.64 13.82 -13.46
C LEU B 81 -7.26 13.52 -14.04
N GLY B 82 -7.20 12.57 -14.97
CA GLY B 82 -5.93 12.20 -15.57
C GLY B 82 -5.49 13.15 -16.66
N ARG B 83 -4.20 13.45 -16.70
CA ARG B 83 -3.64 14.36 -17.69
C ARG B 83 -3.62 13.72 -19.08
N GLN B 84 -4.38 14.30 -20.00
CA GLN B 84 -4.44 13.81 -21.37
C GLN B 84 -3.41 14.58 -22.21
N GLY B 85 -3.12 15.80 -21.78
CA GLY B 85 -2.16 16.64 -22.47
C GLY B 85 -2.00 17.93 -21.69
N GLU B 86 -1.12 18.80 -22.14
CA GLU B 86 -0.90 20.06 -21.45
C GLU B 86 -2.24 20.78 -21.29
N GLY B 87 -2.58 21.12 -20.05
CA GLY B 87 -3.83 21.82 -19.77
C GLY B 87 -5.09 21.08 -20.16
N ASP B 88 -5.04 19.74 -20.18
CA ASP B 88 -6.19 18.93 -20.56
C ASP B 88 -6.27 17.71 -19.65
N TYR B 89 -7.17 17.76 -18.66
CA TYR B 89 -7.33 16.64 -17.74
C TYR B 89 -8.75 16.08 -17.85
N ARG B 90 -8.86 14.75 -17.83
CA ARG B 90 -10.16 14.12 -17.97
C ARG B 90 -10.40 12.89 -17.12
N VAL B 91 -11.68 12.57 -16.93
CA VAL B 91 -12.10 11.41 -16.17
C VAL B 91 -13.38 10.88 -16.81
N GLN B 92 -13.52 9.56 -16.85
CA GLN B 92 -14.72 8.96 -17.43
C GLN B 92 -15.84 8.93 -16.42
N LYS B 93 -17.04 9.32 -16.84
CA LYS B 93 -18.21 9.34 -15.98
C LYS B 93 -18.71 7.95 -15.64
N GLY B 94 -19.50 7.85 -14.58
CA GLY B 94 -20.03 6.57 -14.16
C GLY B 94 -20.83 5.90 -15.26
N ASP B 95 -21.66 6.68 -15.95
CA ASP B 95 -22.47 6.15 -17.04
C ASP B 95 -21.62 5.83 -18.26
N GLY B 96 -21.20 6.86 -18.99
CA GLY B 96 -20.39 6.67 -20.18
C GLY B 96 -19.79 7.97 -20.64
N GLY B 97 -20.24 9.07 -20.04
CA GLY B 97 -19.74 10.38 -20.40
C GLY B 97 -18.30 10.61 -19.99
N GLN B 98 -17.83 11.84 -20.19
CA GLN B 98 -16.46 12.21 -19.85
C GLN B 98 -16.47 13.64 -19.32
N LEU B 99 -15.70 13.90 -18.26
CA LEU B 99 -15.60 15.24 -17.70
C LEU B 99 -14.24 15.78 -18.12
N VAL B 100 -14.22 16.99 -18.65
CA VAL B 100 -12.98 17.59 -19.11
C VAL B 100 -12.63 18.89 -18.38
N LEU B 101 -11.41 18.95 -17.85
CA LEU B 101 -10.94 20.13 -17.13
C LEU B 101 -9.91 20.86 -18.00
N ARG B 102 -10.22 22.10 -18.34
CA ARG B 102 -9.34 22.93 -19.16
C ARG B 102 -9.28 24.33 -18.58
N ARG B 103 -8.20 25.05 -18.86
CA ARG B 103 -8.07 26.41 -18.35
C ARG B 103 -9.16 27.30 -18.95
N ALA B 104 -9.61 28.29 -18.19
CA ALA B 104 -10.65 29.21 -18.63
C ALA B 104 -10.21 30.15 -19.73
N THR B 105 -11.19 30.77 -20.40
CA THR B 105 -10.95 31.71 -21.49
C THR B 105 -10.36 30.99 -22.71
ZN ZN C . 11.33 5.22 -15.01
CA CA D . 10.62 -10.45 11.81
CA CA E . 6.71 -13.70 11.24
CA CA F . -9.79 -0.01 18.02
CA CA G . -12.19 -2.51 21.43
CA CA H . -14.16 -4.98 24.61
CA CA I . -5.15 -17.01 12.66
CA CA J . -8.71 -19.14 14.96
CA CA K . -18.81 -33.41 16.86
#